data_6ZF8
#
_entry.id   6ZF8
#
_cell.length_a   103.350
_cell.length_b   103.350
_cell.length_c   55.019
_cell.angle_alpha   90.000
_cell.angle_beta   90.000
_cell.angle_gamma   120.000
#
_symmetry.space_group_name_H-M   'P 61'
#
loop_
_entity.id
_entity.type
_entity.pdbx_description
1 polymer 'Kelch-like ECH-associated protein 1'
2 non-polymer 'SULFATE ION'
3 non-polymer 'DIMETHYL SULFOXIDE'
4 non-polymer '1-[3-[2-hydroxy-2-oxoethyl-(3-methoxyphenyl)sulfonyl-amino]phenyl]-5-[(1~{S},2~{S})-2-phenylcyclopropyl]pyrazole-4-carboxylic acid'
5 water water
#
_entity_poly.entity_id   1
_entity_poly.type   'polypeptide(L)'
_entity_poly.pdbx_seq_one_letter_code
;GPKVGRLIYTAGGYFRQSLSYLEAYNPSNGSWLRLADLQVPRSGLAGCVVGGLLYAVGGRNNSPDGNTDSSALDCYNPMT
NQWSPCASMSVPRNRIGVGVIDGHIYAVGGSHGCIHHSSVERYEPERDEWHLVAPMLTRRIGVGVAVLNRLLYAVGGFDG
TNRLNSAECYYPERNEWRMITPMNTIRSGAGVCVLHNCIYAAGGYDGQDQLNSVERYDVETETWTFVAPMRHHRSALGIT
VHQGKIYVLGGYDGHTFLDSVECYDPDSDTWSEVTRMTSGRSGVGVAVTMEPCRKQIDQQNCTC
;
_entity_poly.pdbx_strand_id   A
#
loop_
_chem_comp.id
_chem_comp.type
_chem_comp.name
_chem_comp.formula
DMS non-polymer 'DIMETHYL SULFOXIDE' 'C2 H6 O S'
QHZ non-polymer '1-[3-[2-hydroxy-2-oxoethyl-(3-methoxyphenyl)sulfonyl-amino]phenyl]-5-[(1~{S},2~{S})-2-phenylcyclopropyl]pyrazole-4-carboxylic acid' 'C28 H25 N3 O7 S'
SO4 non-polymer 'SULFATE ION' 'O4 S -2'
#
# COMPACT_ATOMS: atom_id res chain seq x y z
N LYS A 3 -1.20 -23.00 -4.09
CA LYS A 3 -1.39 -22.05 -3.01
C LYS A 3 -0.26 -22.06 -1.98
N VAL A 4 0.50 -23.16 -1.91
CA VAL A 4 1.60 -23.25 -0.94
C VAL A 4 2.80 -22.47 -1.45
N GLY A 5 3.70 -22.15 -0.53
CA GLY A 5 4.97 -21.56 -0.87
C GLY A 5 4.96 -20.07 -1.09
N ARG A 6 3.91 -19.36 -0.61
CA ARG A 6 3.83 -17.91 -0.81
C ARG A 6 4.31 -17.17 0.44
N LEU A 7 5.00 -16.04 0.21
CA LEU A 7 5.60 -15.24 1.26
C LEU A 7 5.03 -13.83 1.21
N ILE A 8 5.09 -13.14 2.34
CA ILE A 8 4.74 -11.73 2.43
C ILE A 8 6.04 -10.94 2.32
N TYR A 9 6.15 -10.17 1.23
CA TYR A 9 7.32 -9.39 0.92
C TYR A 9 7.12 -7.95 1.38
N THR A 10 8.13 -7.40 2.08
CA THR A 10 8.11 -6.00 2.45
C THR A 10 9.34 -5.32 1.83
N ALA A 11 9.11 -4.22 1.13
CA ALA A 11 10.14 -3.53 0.39
C ALA A 11 10.24 -2.08 0.87
N GLY A 12 11.47 -1.61 1.08
CA GLY A 12 11.73 -0.22 1.43
C GLY A 12 11.22 0.14 2.82
N GLY A 13 10.86 1.40 2.96
CA GLY A 13 10.36 1.94 4.20
C GLY A 13 11.25 3.05 4.73
N TYR A 14 10.97 3.44 5.97
CA TYR A 14 11.62 4.58 6.57
C TYR A 14 11.91 4.33 8.04
N PHE A 15 13.16 4.61 8.43
CA PHE A 15 13.56 4.76 9.83
C PHE A 15 14.80 5.65 9.81
N ARG A 16 14.64 6.90 10.21
CA ARG A 16 15.70 7.91 10.17
C ARG A 16 15.95 8.38 8.74
N GLN A 17 15.94 7.46 7.78
CA GLN A 17 16.06 7.78 6.35
C GLN A 17 15.33 6.68 5.59
N SER A 18 15.18 6.88 4.27
CA SER A 18 14.54 5.85 3.46
C SER A 18 15.45 4.63 3.38
N LEU A 19 14.82 3.45 3.26
CA LEU A 19 15.50 2.16 3.37
C LEU A 19 15.45 1.40 2.06
N SER A 20 16.43 0.52 1.86
CA SER A 20 16.49 -0.31 0.66
CA SER A 20 16.52 -0.31 0.67
C SER A 20 16.15 -1.77 0.93
N TYR A 21 15.71 -2.10 2.15
CA TYR A 21 15.50 -3.51 2.51
C TYR A 21 14.43 -4.16 1.63
N LEU A 22 14.68 -5.42 1.26
CA LEU A 22 13.66 -6.33 0.79
C LEU A 22 13.72 -7.57 1.70
N GLU A 23 12.63 -7.86 2.40
CA GLU A 23 12.58 -8.98 3.34
C GLU A 23 11.26 -9.69 3.15
N ALA A 24 11.25 -11.00 3.39
CA ALA A 24 10.07 -11.81 3.09
C ALA A 24 9.75 -12.71 4.28
N TYR A 25 8.50 -12.67 4.70
CA TYR A 25 8.02 -13.45 5.85
C TYR A 25 7.23 -14.65 5.38
N ASN A 26 7.48 -15.80 6.02
CA ASN A 26 6.77 -17.04 5.72
C ASN A 26 5.77 -17.35 6.82
N PRO A 27 4.48 -17.12 6.63
CA PRO A 27 3.52 -17.40 7.70
C PRO A 27 3.50 -18.86 8.14
N SER A 28 3.97 -19.78 7.31
CA SER A 28 3.89 -21.19 7.65
C SER A 28 4.91 -21.59 8.71
N ASN A 29 6.05 -20.91 8.78
CA ASN A 29 7.07 -21.32 9.76
C ASN A 29 7.65 -20.16 10.56
N GLY A 30 7.15 -18.94 10.39
CA GLY A 30 7.60 -17.79 11.15
C GLY A 30 8.93 -17.19 10.73
N SER A 31 9.52 -17.68 9.64
CA SER A 31 10.87 -17.24 9.25
C SER A 31 10.83 -15.96 8.44
N TRP A 32 11.91 -15.18 8.56
CA TRP A 32 12.17 -14.01 7.72
C TRP A 32 13.42 -14.25 6.89
N LEU A 33 13.39 -13.82 5.63
CA LEU A 33 14.54 -13.88 4.75
C LEU A 33 14.89 -12.48 4.29
N ARG A 34 16.19 -12.15 4.33
CA ARG A 34 16.66 -10.91 3.71
C ARG A 34 17.05 -11.21 2.26
N LEU A 35 16.50 -10.43 1.33
CA LEU A 35 16.68 -10.62 -0.11
C LEU A 35 17.41 -9.40 -0.69
N ALA A 36 17.52 -9.37 -2.02
CA ALA A 36 18.29 -8.30 -2.66
C ALA A 36 17.71 -6.93 -2.34
N ASP A 37 18.61 -6.01 -1.94
CA ASP A 37 18.24 -4.63 -1.70
C ASP A 37 17.67 -4.00 -2.96
N LEU A 38 16.70 -3.10 -2.76
CA LEU A 38 16.32 -2.15 -3.81
C LEU A 38 17.56 -1.43 -4.33
N GLN A 39 17.53 -1.08 -5.63
CA GLN A 39 18.62 -0.31 -6.21
C GLN A 39 18.69 1.09 -5.62
N VAL A 40 17.55 1.65 -5.23
CA VAL A 40 17.46 3.00 -4.67
C VAL A 40 16.62 2.91 -3.41
N PRO A 41 17.05 3.44 -2.27
CA PRO A 41 16.18 3.41 -1.08
C PRO A 41 14.92 4.21 -1.33
N ARG A 42 13.79 3.71 -0.82
CA ARG A 42 12.53 4.40 -1.04
C ARG A 42 11.60 4.15 0.13
N SER A 43 10.94 5.21 0.59
CA SER A 43 9.81 5.15 1.49
C SER A 43 8.58 5.73 0.80
N GLY A 44 7.39 5.41 1.33
CA GLY A 44 6.18 5.92 0.73
C GLY A 44 5.88 5.31 -0.63
N LEU A 45 6.46 4.16 -0.93
CA LEU A 45 6.19 3.42 -2.15
C LEU A 45 5.01 2.47 -1.93
N ALA A 46 4.60 1.81 -3.00
CA ALA A 46 3.66 0.72 -2.90
C ALA A 46 4.20 -0.49 -3.63
N GLY A 47 3.76 -1.66 -3.18
CA GLY A 47 4.13 -2.92 -3.81
C GLY A 47 2.92 -3.60 -4.42
N CYS A 48 3.16 -4.40 -5.45
CA CYS A 48 2.13 -5.24 -6.02
C CYS A 48 2.80 -6.37 -6.79
N VAL A 49 1.99 -7.34 -7.20
CA VAL A 49 2.50 -8.51 -7.91
C VAL A 49 1.68 -8.73 -9.18
N VAL A 50 2.38 -8.99 -10.28
CA VAL A 50 1.74 -9.40 -11.53
C VAL A 50 2.59 -10.53 -12.11
N GLY A 51 1.94 -11.64 -12.44
CA GLY A 51 2.66 -12.73 -13.09
C GLY A 51 3.77 -13.28 -12.25
N GLY A 52 3.60 -13.30 -10.93
CA GLY A 52 4.64 -13.82 -10.04
C GLY A 52 5.80 -12.89 -9.81
N LEU A 53 5.80 -11.71 -10.42
CA LEU A 53 6.86 -10.73 -10.24
C LEU A 53 6.42 -9.63 -9.30
N LEU A 54 7.34 -9.18 -8.45
CA LEU A 54 7.07 -8.17 -7.45
C LEU A 54 7.46 -6.81 -8.03
N TYR A 55 6.56 -5.85 -7.92
CA TYR A 55 6.83 -4.50 -8.40
C TYR A 55 6.88 -3.50 -7.25
N ALA A 56 7.87 -2.61 -7.31
CA ALA A 56 7.99 -1.48 -6.38
C ALA A 56 7.74 -0.20 -7.16
N VAL A 57 6.77 0.59 -6.70
CA VAL A 57 6.24 1.72 -7.47
C VAL A 57 6.36 3.01 -6.67
N GLY A 58 7.01 4.01 -7.26
CA GLY A 58 7.05 5.34 -6.67
C GLY A 58 7.79 5.41 -5.33
N GLY A 59 7.36 6.36 -4.50
CA GLY A 59 8.00 6.64 -3.24
C GLY A 59 8.89 7.88 -3.29
N ARG A 60 9.80 7.94 -2.32
CA ARG A 60 10.75 9.03 -2.18
C ARG A 60 12.00 8.49 -1.51
N ASN A 61 13.17 8.96 -1.97
CA ASN A 61 14.41 8.68 -1.28
C ASN A 61 14.72 9.87 -0.38
N ASN A 62 14.39 9.75 0.91
CA ASN A 62 14.79 10.71 1.92
C ASN A 62 16.14 10.25 2.48
N SER A 63 17.17 11.02 2.23
CA SER A 63 18.52 10.72 2.69
C SER A 63 19.12 11.95 3.32
N PRO A 64 20.25 11.80 4.02
CA PRO A 64 20.89 12.99 4.60
C PRO A 64 21.20 14.07 3.58
N ASP A 65 21.39 13.72 2.30
CA ASP A 65 21.76 14.69 1.28
C ASP A 65 20.65 14.96 0.27
N GLY A 66 19.40 14.63 0.60
CA GLY A 66 18.35 14.93 -0.35
C GLY A 66 17.01 14.31 -0.07
N ASN A 67 15.97 14.84 -0.73
CA ASN A 67 14.65 14.24 -0.77
C ASN A 67 14.28 14.17 -2.25
N THR A 68 14.27 12.98 -2.84
CA THR A 68 14.00 12.86 -4.27
C THR A 68 12.75 11.98 -4.44
N ASP A 69 11.67 12.58 -4.93
CA ASP A 69 10.46 11.82 -5.23
C ASP A 69 10.71 10.92 -6.43
N SER A 70 10.09 9.75 -6.41
CA SER A 70 10.40 8.69 -7.35
C SER A 70 9.28 8.52 -8.36
N SER A 71 9.65 8.48 -9.64
CA SER A 71 8.77 8.03 -10.72
C SER A 71 9.04 6.57 -11.07
N ALA A 72 9.84 5.86 -10.28
CA ALA A 72 10.37 4.58 -10.71
C ALA A 72 9.37 3.45 -10.57
N LEU A 73 9.49 2.48 -11.50
CA LEU A 73 8.88 1.16 -11.43
C LEU A 73 10.04 0.16 -11.54
N ASP A 74 10.21 -0.67 -10.51
CA ASP A 74 11.25 -1.69 -10.49
C ASP A 74 10.63 -3.05 -10.24
N CYS A 75 11.17 -4.08 -10.88
CA CYS A 75 10.60 -5.42 -10.86
C CYS A 75 11.58 -6.41 -10.22
N TYR A 76 11.09 -7.15 -9.22
CA TYR A 76 11.89 -8.17 -8.53
C TYR A 76 11.42 -9.55 -8.95
N ASN A 77 12.35 -10.39 -9.41
CA ASN A 77 12.04 -11.76 -9.76
C ASN A 77 12.53 -12.71 -8.68
N PRO A 78 11.64 -13.40 -7.95
CA PRO A 78 12.10 -14.32 -6.90
C PRO A 78 12.94 -15.46 -7.43
N MET A 79 12.81 -15.82 -8.71
CA MET A 79 13.57 -16.93 -9.26
C MET A 79 15.05 -16.57 -9.38
N THR A 80 15.36 -15.28 -9.57
CA THR A 80 16.72 -14.81 -9.74
C THR A 80 17.26 -14.02 -8.55
N ASN A 81 16.39 -13.58 -7.64
CA ASN A 81 16.74 -12.65 -6.56
C ASN A 81 17.41 -11.40 -7.12
N GLN A 82 16.87 -10.89 -8.23
CA GLN A 82 17.39 -9.67 -8.86
C GLN A 82 16.27 -8.68 -9.13
N TRP A 83 16.60 -7.39 -8.96
CA TRP A 83 15.75 -6.28 -9.38
C TRP A 83 16.12 -5.83 -10.78
N SER A 84 15.10 -5.44 -11.57
CA SER A 84 15.29 -4.90 -12.90
C SER A 84 14.46 -3.64 -13.04
N PRO A 85 15.02 -2.55 -13.57
CA PRO A 85 14.18 -1.38 -13.85
C PRO A 85 13.17 -1.66 -14.94
N CYS A 86 12.02 -1.02 -14.81
CA CYS A 86 10.98 -0.96 -15.83
C CYS A 86 10.82 0.50 -16.27
N ALA A 87 9.94 0.70 -17.26
CA ALA A 87 9.61 2.06 -17.67
C ALA A 87 9.13 2.88 -16.48
N SER A 88 9.54 4.14 -16.42
CA SER A 88 9.14 5.04 -15.35
C SER A 88 7.77 5.68 -15.64
N MET A 89 7.11 6.07 -14.55
CA MET A 89 5.83 6.76 -14.64
C MET A 89 6.02 8.18 -15.21
N SER A 90 4.88 8.79 -15.57
CA SER A 90 4.89 10.14 -16.13
C SER A 90 5.42 11.18 -15.17
N VAL A 91 5.32 10.92 -13.88
CA VAL A 91 5.53 11.92 -12.83
C VAL A 91 6.01 11.23 -11.57
N PRO A 92 6.81 11.90 -10.73
CA PRO A 92 7.12 11.32 -9.41
C PRO A 92 5.87 11.24 -8.54
N ARG A 93 5.80 10.18 -7.74
CA ARG A 93 4.65 9.95 -6.86
C ARG A 93 5.12 9.37 -5.54
N ASN A 94 5.32 10.22 -4.55
CA ASN A 94 5.55 9.80 -3.18
C ASN A 94 4.21 9.63 -2.49
N ARG A 95 4.16 8.72 -1.52
CA ARG A 95 2.94 8.43 -0.76
C ARG A 95 1.83 8.02 -1.72
N ILE A 96 2.18 7.07 -2.59
CA ILE A 96 1.37 6.56 -3.69
C ILE A 96 0.46 5.43 -3.21
N GLY A 97 -0.59 5.18 -3.97
CA GLY A 97 -1.36 3.96 -3.84
C GLY A 97 -1.36 3.24 -5.18
N VAL A 98 -1.38 1.91 -5.15
CA VAL A 98 -1.46 1.13 -6.39
C VAL A 98 -2.47 -0.01 -6.26
N GLY A 99 -3.02 -0.40 -7.40
CA GLY A 99 -3.88 -1.57 -7.49
C GLY A 99 -3.65 -2.22 -8.83
N VAL A 100 -3.97 -3.51 -8.91
CA VAL A 100 -3.83 -4.31 -10.12
C VAL A 100 -5.21 -4.73 -10.60
N ILE A 101 -5.50 -4.46 -11.89
CA ILE A 101 -6.71 -4.96 -12.54
C ILE A 101 -6.29 -5.71 -13.79
N ASP A 102 -6.63 -7.00 -13.85
CA ASP A 102 -6.45 -7.79 -15.05
C ASP A 102 -5.03 -7.65 -15.61
N GLY A 103 -4.06 -7.77 -14.71
CA GLY A 103 -2.66 -7.76 -15.11
C GLY A 103 -2.06 -6.39 -15.37
N HIS A 104 -2.77 -5.31 -15.07
CA HIS A 104 -2.30 -3.95 -15.32
C HIS A 104 -2.16 -3.23 -13.98
N ILE A 105 -1.09 -2.49 -13.83
CA ILE A 105 -0.82 -1.78 -12.59
C ILE A 105 -1.33 -0.35 -12.71
N TYR A 106 -2.19 0.03 -11.77
CA TYR A 106 -2.64 1.42 -11.67
C TYR A 106 -1.89 2.14 -10.56
N ALA A 107 -1.28 3.27 -10.91
CA ALA A 107 -0.61 4.15 -9.96
C ALA A 107 -1.48 5.37 -9.70
N VAL A 108 -1.76 5.64 -8.44
CA VAL A 108 -2.82 6.57 -8.05
C VAL A 108 -2.25 7.65 -7.14
N GLY A 109 -2.43 8.91 -7.56
CA GLY A 109 -2.20 10.02 -6.65
C GLY A 109 -0.73 10.19 -6.25
N GLY A 110 -0.53 10.55 -4.98
CA GLY A 110 0.80 10.79 -4.47
C GLY A 110 1.25 12.24 -4.66
N SER A 111 2.43 12.54 -4.13
CA SER A 111 2.96 13.89 -4.12
C SER A 111 4.27 14.00 -4.91
N HIS A 112 4.54 15.23 -5.33
CA HIS A 112 5.80 15.62 -5.97
C HIS A 112 6.10 17.01 -5.44
N GLY A 113 7.03 17.11 -4.50
CA GLY A 113 7.18 18.38 -3.83
C GLY A 113 5.85 18.77 -3.21
N CYS A 114 5.49 20.04 -3.36
CA CYS A 114 4.23 20.52 -2.81
C CYS A 114 3.02 20.22 -3.69
N ILE A 115 3.20 19.50 -4.80
CA ILE A 115 2.11 19.15 -5.69
C ILE A 115 1.43 17.89 -5.17
N HIS A 116 0.10 17.94 -5.04
CA HIS A 116 -0.73 16.80 -4.66
C HIS A 116 -1.48 16.33 -5.89
N HIS A 117 -1.19 15.11 -6.32
CA HIS A 117 -1.74 14.62 -7.59
C HIS A 117 -3.17 14.13 -7.45
N SER A 118 -3.99 14.45 -8.47
CA SER A 118 -5.20 13.65 -8.73
C SER A 118 -4.99 12.68 -9.89
N SER A 119 -3.85 12.78 -10.60
CA SER A 119 -3.62 11.98 -11.79
C SER A 119 -3.45 10.51 -11.44
N VAL A 120 -3.71 9.68 -12.46
CA VAL A 120 -3.69 8.23 -12.37
C VAL A 120 -3.13 7.70 -13.69
N GLU A 121 -2.29 6.67 -13.61
CA GLU A 121 -1.75 6.08 -14.84
C GLU A 121 -1.69 4.56 -14.69
N ARG A 122 -1.65 3.90 -15.84
CA ARG A 122 -1.80 2.45 -15.93
C ARG A 122 -0.63 1.86 -16.69
N TYR A 123 -0.01 0.84 -16.11
CA TYR A 123 1.13 0.15 -16.67
C TYR A 123 0.74 -1.17 -17.31
N GLU A 124 1.31 -1.42 -18.48
CA GLU A 124 1.13 -2.65 -19.24
C GLU A 124 2.43 -3.45 -19.23
N PRO A 125 2.51 -4.55 -18.45
CA PRO A 125 3.81 -5.23 -18.29
C PRO A 125 4.34 -5.84 -19.56
N GLU A 126 3.47 -6.43 -20.39
CA GLU A 126 3.92 -7.08 -21.61
C GLU A 126 4.59 -6.07 -22.54
N ARG A 127 4.02 -4.86 -22.63
CA ARG A 127 4.53 -3.82 -23.51
C ARG A 127 5.46 -2.84 -22.83
N ASP A 128 5.61 -2.92 -21.52
CA ASP A 128 6.47 -2.03 -20.73
C ASP A 128 6.20 -0.56 -21.07
N GLU A 129 4.93 -0.18 -20.91
CA GLU A 129 4.47 1.17 -21.18
C GLU A 129 3.49 1.62 -20.09
N TRP A 130 3.63 2.89 -19.71
CA TRP A 130 2.64 3.60 -18.91
C TRP A 130 1.81 4.53 -19.79
N HIS A 131 0.53 4.65 -19.45
CA HIS A 131 -0.35 5.65 -20.05
C HIS A 131 -1.26 6.25 -18.99
N LEU A 132 -1.50 7.55 -19.07
CA LEU A 132 -2.43 8.19 -18.15
C LEU A 132 -3.88 7.77 -18.46
N VAL A 133 -4.68 7.66 -17.40
CA VAL A 133 -6.12 7.44 -17.50
C VAL A 133 -6.82 8.63 -16.85
N ALA A 134 -8.13 8.54 -16.65
CA ALA A 134 -8.86 9.65 -16.07
C ALA A 134 -8.33 9.94 -14.67
N PRO A 135 -8.18 11.21 -14.30
CA PRO A 135 -7.76 11.53 -12.93
C PRO A 135 -8.91 11.37 -11.94
N MET A 136 -8.53 11.19 -10.68
CA MET A 136 -9.50 11.18 -9.61
C MET A 136 -10.25 12.51 -9.52
N LEU A 137 -11.39 12.45 -8.82
CA LEU A 137 -12.17 13.65 -8.54
C LEU A 137 -11.53 14.52 -7.49
N THR A 138 -10.56 13.97 -6.74
CA THR A 138 -9.93 14.63 -5.60
C THR A 138 -8.43 14.40 -5.70
N ARG A 139 -7.65 15.42 -5.34
CA ARG A 139 -6.22 15.23 -5.16
C ARG A 139 -5.98 14.45 -3.86
N ARG A 140 -5.14 13.43 -3.91
CA ARG A 140 -4.93 12.57 -2.75
C ARG A 140 -3.49 12.09 -2.67
N ILE A 141 -2.81 12.38 -1.57
CA ILE A 141 -1.55 11.73 -1.24
C ILE A 141 -1.79 10.91 0.03
N GLY A 142 -0.92 9.93 0.26
CA GLY A 142 -1.17 9.00 1.37
C GLY A 142 -2.49 8.27 1.18
N VAL A 143 -2.82 7.97 -0.07
CA VAL A 143 -4.10 7.37 -0.45
C VAL A 143 -4.00 5.86 -0.37
N GLY A 144 -5.04 5.23 0.16
CA GLY A 144 -5.13 3.77 0.16
C GLY A 144 -5.86 3.29 -1.08
N VAL A 145 -5.33 2.26 -1.72
CA VAL A 145 -5.91 1.75 -2.96
C VAL A 145 -6.08 0.24 -2.88
N ALA A 146 -7.21 -0.25 -3.36
CA ALA A 146 -7.37 -1.70 -3.49
C ALA A 146 -8.37 -1.97 -4.61
N VAL A 147 -8.38 -3.22 -5.07
CA VAL A 147 -9.19 -3.67 -6.19
C VAL A 147 -10.10 -4.79 -5.73
N LEU A 148 -11.38 -4.67 -6.09
CA LEU A 148 -12.38 -5.70 -5.80
C LEU A 148 -13.28 -5.81 -7.02
N ASN A 149 -13.42 -7.02 -7.54
CA ASN A 149 -14.35 -7.25 -8.65
C ASN A 149 -14.03 -6.34 -9.84
N ARG A 150 -12.74 -6.17 -10.12
CA ARG A 150 -12.23 -5.42 -11.26
C ARG A 150 -12.72 -3.96 -11.25
N LEU A 151 -12.88 -3.42 -10.05
CA LEU A 151 -13.09 -2.00 -9.80
C LEU A 151 -12.01 -1.53 -8.82
N LEU A 152 -11.54 -0.29 -9.01
CA LEU A 152 -10.40 0.27 -8.27
C LEU A 152 -10.89 1.34 -7.33
N TYR A 153 -10.50 1.25 -6.06
CA TYR A 153 -10.99 2.14 -5.02
C TYR A 153 -9.82 2.96 -4.48
N ALA A 154 -10.05 4.25 -4.32
CA ALA A 154 -9.10 5.18 -3.74
C ALA A 154 -9.73 5.76 -2.48
N VAL A 155 -9.03 5.63 -1.35
CA VAL A 155 -9.63 5.80 -0.03
C VAL A 155 -8.81 6.79 0.80
N GLY A 156 -9.44 7.87 1.23
CA GLY A 156 -8.78 8.76 2.18
C GLY A 156 -7.62 9.51 1.55
N GLY A 157 -6.66 9.85 2.41
CA GLY A 157 -5.49 10.62 2.01
C GLY A 157 -5.56 12.06 2.47
N PHE A 158 -4.73 12.88 1.81
CA PHE A 158 -4.54 14.29 2.14
C PHE A 158 -4.47 15.08 0.83
N ASP A 159 -5.24 16.16 0.73
CA ASP A 159 -5.40 16.85 -0.55
C ASP A 159 -4.59 18.13 -0.66
N GLY A 160 -3.75 18.41 0.33
CA GLY A 160 -2.95 19.62 0.39
C GLY A 160 -3.41 20.56 1.47
N THR A 161 -4.67 20.43 1.89
CA THR A 161 -5.25 21.28 2.93
C THR A 161 -5.87 20.44 4.05
N ASN A 162 -6.64 19.42 3.68
CA ASN A 162 -7.36 18.58 4.64
C ASN A 162 -7.03 17.11 4.45
N ARG A 163 -6.95 16.39 5.58
CA ARG A 163 -7.06 14.94 5.54
C ARG A 163 -8.50 14.55 5.27
N LEU A 164 -8.67 13.39 4.64
CA LEU A 164 -9.93 13.05 3.98
C LEU A 164 -10.56 11.81 4.56
N ASN A 165 -11.89 11.85 4.72
CA ASN A 165 -12.66 10.62 4.89
C ASN A 165 -13.32 10.17 3.60
N SER A 166 -13.17 10.93 2.51
CA SER A 166 -13.85 10.59 1.25
C SER A 166 -13.15 9.45 0.55
N ALA A 167 -13.88 8.86 -0.40
CA ALA A 167 -13.38 7.73 -1.18
C ALA A 167 -14.09 7.74 -2.52
N GLU A 168 -13.44 7.13 -3.51
CA GLU A 168 -14.02 7.08 -4.84
C GLU A 168 -13.62 5.79 -5.54
N CYS A 169 -14.32 5.49 -6.63
CA CYS A 169 -14.19 4.22 -7.34
C CYS A 169 -14.03 4.50 -8.82
N TYR A 170 -13.12 3.77 -9.44
CA TYR A 170 -12.82 3.87 -10.87
C TYR A 170 -13.41 2.68 -11.60
N TYR A 171 -14.16 2.98 -12.65
CA TYR A 171 -14.88 2.02 -13.49
C TYR A 171 -14.16 1.94 -14.84
N PRO A 172 -13.29 0.93 -15.06
CA PRO A 172 -12.36 1.02 -16.19
C PRO A 172 -13.06 1.12 -17.54
N GLU A 173 -14.17 0.41 -17.71
CA GLU A 173 -14.82 0.40 -19.02
C GLU A 173 -15.44 1.74 -19.36
N ARG A 174 -15.61 2.63 -18.39
CA ARG A 174 -16.07 3.99 -18.64
C ARG A 174 -14.95 5.01 -18.46
N ASN A 175 -13.77 4.58 -18.02
CA ASN A 175 -12.65 5.48 -17.69
C ASN A 175 -13.16 6.67 -16.88
N GLU A 176 -13.82 6.34 -15.78
CA GLU A 176 -14.59 7.34 -15.02
C GLU A 176 -14.46 7.04 -13.55
N TRP A 177 -14.35 8.10 -12.74
CA TRP A 177 -14.36 8.00 -11.29
C TRP A 177 -15.69 8.51 -10.74
N ARG A 178 -16.16 7.86 -9.68
CA ARG A 178 -17.36 8.25 -8.95
C ARG A 178 -17.11 8.21 -7.45
N MET A 179 -17.63 9.20 -6.74
CA MET A 179 -17.56 9.13 -5.27
C MET A 179 -18.34 7.94 -4.75
N ILE A 180 -17.85 7.36 -3.65
CA ILE A 180 -18.60 6.37 -2.89
C ILE A 180 -18.90 6.96 -1.51
N THR A 181 -19.63 6.21 -0.70
CA THR A 181 -19.88 6.63 0.68
C THR A 181 -18.56 6.97 1.35
N PRO A 182 -18.47 8.11 2.05
CA PRO A 182 -17.27 8.39 2.83
C PRO A 182 -17.14 7.51 4.06
N MET A 183 -15.88 7.31 4.46
CA MET A 183 -15.58 6.62 5.70
C MET A 183 -16.16 7.37 6.90
N ASN A 184 -16.29 6.63 8.00
CA ASN A 184 -16.67 7.24 9.26
C ASN A 184 -15.56 8.09 9.86
N THR A 185 -14.32 7.85 9.45
CA THR A 185 -13.14 8.43 10.06
C THR A 185 -12.26 9.03 8.98
N ILE A 186 -11.73 10.22 9.25
CA ILE A 186 -10.68 10.80 8.40
C ILE A 186 -9.42 9.97 8.55
N ARG A 187 -8.86 9.52 7.41
CA ARG A 187 -7.65 8.72 7.41
C ARG A 187 -6.73 9.13 6.27
N SER A 188 -5.53 9.57 6.62
CA SER A 188 -4.40 9.67 5.72
C SER A 188 -3.35 8.62 6.09
N GLY A 189 -2.80 7.97 5.07
CA GLY A 189 -1.80 6.95 5.32
C GLY A 189 -2.34 5.70 5.99
N ALA A 190 -3.58 5.34 5.71
CA ALA A 190 -4.15 4.08 6.17
C ALA A 190 -3.64 2.94 5.29
N GLY A 191 -3.76 1.72 5.82
CA GLY A 191 -3.61 0.53 5.00
C GLY A 191 -4.95 0.14 4.44
N VAL A 192 -5.03 -0.04 3.13
CA VAL A 192 -6.27 -0.39 2.47
C VAL A 192 -6.07 -1.68 1.69
N CYS A 193 -6.99 -2.63 1.85
CA CYS A 193 -6.89 -3.91 1.18
C CYS A 193 -8.31 -4.45 0.96
N VAL A 194 -8.39 -5.60 0.31
CA VAL A 194 -9.66 -6.24 0.04
C VAL A 194 -9.70 -7.60 0.68
N LEU A 195 -10.83 -7.92 1.30
CA LEU A 195 -11.06 -9.24 1.88
C LEU A 195 -12.53 -9.57 1.71
N HIS A 196 -12.79 -10.68 1.03
CA HIS A 196 -14.16 -11.14 0.75
C HIS A 196 -14.84 -10.06 -0.08
N ASN A 197 -15.96 -9.48 0.37
CA ASN A 197 -16.66 -8.51 -0.46
C ASN A 197 -16.53 -7.09 0.09
N CYS A 198 -15.49 -6.82 0.90
CA CYS A 198 -15.32 -5.51 1.49
C CYS A 198 -13.94 -4.92 1.25
N ILE A 199 -13.91 -3.60 1.21
CA ILE A 199 -12.67 -2.80 1.20
C ILE A 199 -12.39 -2.40 2.64
N TYR A 200 -11.23 -2.79 3.17
CA TYR A 200 -10.86 -2.45 4.53
C TYR A 200 -9.91 -1.26 4.54
N ALA A 201 -10.11 -0.38 5.52
CA ALA A 201 -9.21 0.74 5.80
C ALA A 201 -8.78 0.62 7.27
N ALA A 202 -7.49 0.37 7.47
CA ALA A 202 -6.91 0.13 8.80
C ALA A 202 -5.97 1.26 9.17
N GLY A 203 -6.19 1.83 10.35
CA GLY A 203 -5.22 2.80 10.86
C GLY A 203 -5.20 4.08 10.05
N GLY A 204 -4.02 4.71 10.02
CA GLY A 204 -3.87 6.02 9.42
C GLY A 204 -3.76 7.11 10.48
N TYR A 205 -3.85 8.35 10.00
CA TYR A 205 -3.75 9.54 10.81
C TYR A 205 -4.95 10.41 10.50
N ASP A 206 -5.63 10.90 11.52
CA ASP A 206 -6.88 11.65 11.32
C ASP A 206 -6.68 13.14 11.40
N GLY A 207 -5.43 13.61 11.46
CA GLY A 207 -5.09 14.99 11.67
C GLY A 207 -4.70 15.32 13.09
N GLN A 208 -5.02 14.43 14.01
CA GLN A 208 -4.74 14.61 15.44
C GLN A 208 -4.00 13.42 16.04
N ASP A 209 -4.39 12.18 15.73
CA ASP A 209 -3.74 11.02 16.32
C ASP A 209 -3.60 9.92 15.26
N GLN A 210 -2.58 9.08 15.44
CA GLN A 210 -2.54 7.80 14.75
C GLN A 210 -3.67 6.93 15.27
N LEU A 211 -4.22 6.10 14.38
CA LEU A 211 -5.46 5.37 14.60
C LEU A 211 -5.20 3.88 14.75
N ASN A 212 -5.93 3.23 15.66
CA ASN A 212 -6.00 1.78 15.66
C ASN A 212 -7.32 1.26 15.13
N SER A 213 -8.27 2.13 14.81
CA SER A 213 -9.56 1.65 14.32
C SER A 213 -9.44 1.15 12.88
N VAL A 214 -10.40 0.28 12.53
CA VAL A 214 -10.46 -0.39 11.24
C VAL A 214 -11.91 -0.40 10.78
N GLU A 215 -12.17 0.00 9.55
CA GLU A 215 -13.53 -0.06 9.04
C GLU A 215 -13.52 -0.66 7.64
N ARG A 216 -14.65 -1.24 7.26
CA ARG A 216 -14.75 -1.92 5.98
C ARG A 216 -15.99 -1.47 5.22
N TYR A 217 -15.81 -1.30 3.91
CA TYR A 217 -16.85 -0.86 2.98
C TYR A 217 -17.39 -2.08 2.25
N ASP A 218 -18.68 -2.34 2.41
CA ASP A 218 -19.38 -3.42 1.71
C ASP A 218 -19.81 -2.88 0.34
N VAL A 219 -19.20 -3.40 -0.73
CA VAL A 219 -19.44 -2.81 -2.04
C VAL A 219 -20.86 -2.99 -2.50
N GLU A 220 -21.61 -3.90 -1.88
CA GLU A 220 -23.00 -4.13 -2.27
C GLU A 220 -23.93 -3.18 -1.52
N THR A 221 -23.76 -3.05 -0.21
CA THR A 221 -24.65 -2.24 0.61
C THR A 221 -24.19 -0.79 0.74
N GLU A 222 -22.95 -0.49 0.34
CA GLU A 222 -22.36 0.86 0.32
C GLU A 222 -22.29 1.46 1.72
N THR A 223 -22.07 0.62 2.73
CA THR A 223 -21.90 1.09 4.09
C THR A 223 -20.47 0.84 4.55
N TRP A 224 -20.03 1.68 5.50
CA TRP A 224 -18.78 1.46 6.20
C TRP A 224 -19.10 1.03 7.64
N THR A 225 -18.48 -0.05 8.08
CA THR A 225 -18.71 -0.63 9.39
C THR A 225 -17.36 -0.84 10.08
N PHE A 226 -17.27 -0.44 11.36
CA PHE A 226 -16.06 -0.73 12.09
C PHE A 226 -15.98 -2.21 12.46
N VAL A 227 -14.76 -2.75 12.43
CA VAL A 227 -14.49 -4.09 12.95
C VAL A 227 -13.60 -3.94 14.19
N ALA A 228 -13.11 -5.05 14.72
CA ALA A 228 -12.22 -4.97 15.88
C ALA A 228 -11.03 -4.05 15.57
N PRO A 229 -10.62 -3.18 16.50
CA PRO A 229 -9.42 -2.37 16.26
C PRO A 229 -8.15 -3.18 16.42
N MET A 230 -7.10 -2.68 15.77
CA MET A 230 -5.76 -3.23 15.96
C MET A 230 -5.29 -3.01 17.38
N ARG A 231 -4.30 -3.83 17.79
CA ARG A 231 -3.67 -3.64 19.08
C ARG A 231 -2.89 -2.33 19.13
N HIS A 232 -2.26 -1.96 18.02
CA HIS A 232 -1.40 -0.79 17.96
C HIS A 232 -1.99 0.27 17.04
N HIS A 233 -2.02 1.51 17.51
CA HIS A 233 -2.26 2.63 16.61
C HIS A 233 -1.11 2.71 15.61
N ARG A 234 -1.43 2.98 14.34
CA ARG A 234 -0.36 3.06 13.36
C ARG A 234 -0.78 3.83 12.12
N SER A 235 0.11 4.70 11.65
CA SER A 235 -0.03 5.31 10.34
C SER A 235 1.14 4.88 9.48
N ALA A 236 0.99 5.07 8.17
CA ALA A 236 1.99 4.65 7.20
C ALA A 236 2.40 3.18 7.41
N LEU A 237 1.39 2.34 7.63
CA LEU A 237 1.55 0.90 7.73
C LEU A 237 1.53 0.24 6.36
N GLY A 238 2.16 -0.93 6.28
CA GLY A 238 2.00 -1.80 5.13
C GLY A 238 0.86 -2.76 5.41
N ILE A 239 0.21 -3.24 4.34
CA ILE A 239 -0.92 -4.15 4.51
C ILE A 239 -0.98 -5.11 3.32
N THR A 240 -1.42 -6.32 3.60
CA THR A 240 -1.75 -7.26 2.53
C THR A 240 -2.72 -8.30 3.07
N VAL A 241 -3.24 -9.09 2.15
CA VAL A 241 -4.12 -10.21 2.47
C VAL A 241 -3.45 -11.49 2.05
N HIS A 242 -3.59 -12.52 2.87
CA HIS A 242 -3.00 -13.81 2.59
C HIS A 242 -3.79 -14.88 3.32
N GLN A 243 -4.25 -15.87 2.55
CA GLN A 243 -5.06 -16.99 3.06
C GLN A 243 -6.20 -16.50 3.95
N GLY A 244 -6.93 -15.51 3.44
CA GLY A 244 -8.17 -15.09 4.06
C GLY A 244 -8.01 -14.26 5.30
N LYS A 245 -6.80 -13.75 5.55
CA LYS A 245 -6.52 -12.92 6.71
C LYS A 245 -5.77 -11.68 6.27
N ILE A 246 -5.94 -10.59 7.04
CA ILE A 246 -5.26 -9.32 6.77
C ILE A 246 -4.01 -9.28 7.63
N TYR A 247 -2.89 -8.85 7.06
CA TYR A 247 -1.65 -8.63 7.81
C TYR A 247 -1.28 -7.16 7.70
N VAL A 248 -1.01 -6.53 8.83
CA VAL A 248 -0.51 -5.15 8.86
C VAL A 248 0.91 -5.18 9.38
N LEU A 249 1.78 -4.38 8.77
CA LEU A 249 3.22 -4.43 9.04
C LEU A 249 3.74 -3.03 9.35
N GLY A 250 4.32 -2.87 10.54
CA GLY A 250 5.05 -1.66 10.86
C GLY A 250 4.15 -0.45 10.93
N GLY A 251 4.74 0.72 10.65
CA GLY A 251 4.06 1.99 10.78
C GLY A 251 4.62 2.79 11.94
N TYR A 252 3.96 3.90 12.20
CA TYR A 252 4.36 4.85 13.23
C TYR A 252 3.20 5.05 14.19
N ASP A 253 3.46 4.93 15.50
CA ASP A 253 2.39 5.02 16.48
C ASP A 253 2.41 6.34 17.23
N GLY A 254 3.18 7.32 16.75
CA GLY A 254 3.33 8.57 17.44
C GLY A 254 4.51 8.62 18.39
N HIS A 255 5.20 7.50 18.60
CA HIS A 255 6.30 7.43 19.55
C HIS A 255 7.44 6.58 18.99
N THR A 256 7.07 5.51 18.32
CA THR A 256 7.99 4.49 17.87
C THR A 256 7.66 4.14 16.42
N PHE A 257 8.70 3.79 15.66
CA PHE A 257 8.52 3.10 14.38
C PHE A 257 8.37 1.61 14.69
N LEU A 258 7.20 1.06 14.41
CA LEU A 258 6.81 -0.25 14.90
C LEU A 258 7.47 -1.37 14.11
N ASP A 259 7.88 -2.44 14.83
CA ASP A 259 8.23 -3.69 14.16
C ASP A 259 7.09 -4.70 14.19
N SER A 260 5.99 -4.36 14.86
CA SER A 260 4.86 -5.26 15.04
C SER A 260 4.17 -5.63 13.72
N VAL A 261 3.87 -6.92 13.56
CA VAL A 261 3.02 -7.43 12.49
C VAL A 261 1.79 -8.06 13.15
N GLU A 262 0.61 -7.55 12.83
CA GLU A 262 -0.64 -8.09 13.35
C GLU A 262 -1.44 -8.74 12.22
N CYS A 263 -2.30 -9.70 12.61
CA CYS A 263 -3.07 -10.52 11.68
C CYS A 263 -4.52 -10.49 12.12
N TYR A 264 -5.43 -10.15 11.18
CA TYR A 264 -6.86 -10.10 11.44
C TYR A 264 -7.55 -11.33 10.88
N ASP A 265 -8.32 -12.00 11.74
CA ASP A 265 -9.14 -13.15 11.39
C ASP A 265 -10.58 -12.67 11.27
N PRO A 266 -11.17 -12.63 10.07
CA PRO A 266 -12.53 -12.10 9.95
C PRO A 266 -13.58 -13.02 10.55
N ASP A 267 -13.29 -14.32 10.65
CA ASP A 267 -14.27 -15.25 11.20
C ASP A 267 -14.52 -14.99 12.68
N SER A 268 -13.47 -14.66 13.42
CA SER A 268 -13.59 -14.35 14.84
C SER A 268 -13.59 -12.85 15.14
N ASP A 269 -13.33 -12.02 14.13
CA ASP A 269 -13.22 -10.57 14.31
C ASP A 269 -12.23 -10.23 15.42
N THR A 270 -11.02 -10.80 15.30
CA THR A 270 -9.95 -10.58 16.27
C THR A 270 -8.63 -10.37 15.55
N TRP A 271 -7.77 -9.58 16.19
CA TRP A 271 -6.40 -9.39 15.77
C TRP A 271 -5.46 -10.09 16.74
N SER A 272 -4.35 -10.59 16.20
N SER A 272 -4.35 -10.60 16.20
CA SER A 272 -3.30 -11.17 17.01
CA SER A 272 -3.29 -11.21 17.00
C SER A 272 -1.95 -10.75 16.45
C SER A 272 -1.95 -10.76 16.44
N GLU A 273 -0.94 -10.73 17.31
CA GLU A 273 0.40 -10.38 16.89
C GLU A 273 1.10 -11.66 16.44
N VAL A 274 1.63 -11.69 15.22
CA VAL A 274 2.08 -12.96 14.65
C VAL A 274 3.59 -13.05 14.50
N THR A 275 4.27 -11.92 14.40
CA THR A 275 5.72 -11.87 14.19
C THR A 275 6.14 -10.41 14.36
N ARG A 276 7.44 -10.18 14.39
CA ARG A 276 8.00 -8.84 14.36
C ARG A 276 8.91 -8.76 13.15
N MET A 277 8.89 -7.61 12.49
CA MET A 277 9.89 -7.37 11.46
C MET A 277 11.27 -7.31 12.12
N THR A 278 12.30 -7.38 11.29
CA THR A 278 13.67 -7.37 11.82
C THR A 278 14.05 -6.03 12.43
N SER A 279 13.36 -4.95 12.06
CA SER A 279 13.57 -3.63 12.65
C SER A 279 12.31 -2.80 12.40
N GLY A 280 12.04 -1.85 13.28
CA GLY A 280 10.86 -1.02 13.07
C GLY A 280 11.05 -0.05 11.90
N ARG A 281 9.96 0.20 11.17
CA ARG A 281 9.98 1.05 9.99
C ARG A 281 8.54 1.40 9.62
N SER A 282 8.39 2.48 8.87
CA SER A 282 7.12 2.88 8.29
C SER A 282 7.26 3.04 6.78
N GLY A 283 6.12 3.22 6.11
CA GLY A 283 6.08 3.55 4.69
C GLY A 283 6.61 2.48 3.75
N VAL A 284 6.38 1.21 4.09
CA VAL A 284 6.85 0.09 3.27
C VAL A 284 5.84 -0.17 2.16
N GLY A 285 6.33 -0.85 1.12
CA GLY A 285 5.46 -1.53 0.16
C GLY A 285 5.40 -3.01 0.48
N VAL A 286 4.22 -3.62 0.26
CA VAL A 286 3.98 -5.00 0.64
C VAL A 286 3.21 -5.71 -0.45
N ALA A 287 3.58 -6.97 -0.70
CA ALA A 287 2.80 -7.81 -1.62
C ALA A 287 3.17 -9.27 -1.37
N VAL A 288 2.40 -10.17 -1.97
CA VAL A 288 2.55 -11.60 -1.76
C VAL A 288 2.90 -12.28 -3.08
N THR A 289 3.92 -13.12 -3.07
CA THR A 289 4.18 -13.99 -4.20
C THR A 289 5.02 -15.18 -3.75
N MET A 290 5.43 -16.00 -4.71
CA MET A 290 6.13 -17.24 -4.39
C MET A 290 7.47 -16.98 -3.73
N GLU A 291 7.92 -17.94 -2.93
CA GLU A 291 9.23 -17.84 -2.29
C GLU A 291 10.33 -17.92 -3.35
N PRO A 292 11.48 -17.28 -3.09
CA PRO A 292 12.60 -17.15 -4.04
C PRO A 292 13.50 -18.38 -4.12
S SO4 B . -1.61 16.53 -11.07
O1 SO4 B . -0.78 16.83 -9.90
O2 SO4 B . -2.40 17.72 -11.39
O3 SO4 B . -0.81 16.20 -12.24
O4 SO4 B . -2.54 15.44 -10.77
S SO4 C . -2.11 21.33 -4.73
O1 SO4 C . -1.79 22.53 -5.50
O2 SO4 C . -3.55 21.22 -4.46
O3 SO4 C . -1.58 20.24 -5.53
O4 SO4 C . -1.43 21.35 -3.45
S DMS D . -13.06 8.99 -21.75
O DMS D . -12.40 7.70 -22.08
C1 DMS D . -14.34 8.77 -20.48
C2 DMS D . -11.89 10.08 -20.89
H11 DMS D . -15.11 8.14 -20.86
H12 DMS D . -14.74 9.71 -20.22
H13 DMS D . -13.91 8.32 -19.63
H21 DMS D . -12.26 11.08 -20.91
H22 DMS D . -10.95 10.05 -21.37
H23 DMS D . -11.78 9.76 -19.88
S DMS E . 13.20 9.67 -10.67
O DMS E . 12.53 8.48 -10.07
C1 DMS E . 12.12 11.13 -10.59
C2 DMS E . 14.54 10.26 -9.59
H11 DMS E . 11.36 11.04 -11.33
H12 DMS E . 12.68 12.00 -10.75
H13 DMS E . 11.66 11.18 -9.63
H21 DMS E . 15.32 9.53 -9.57
H22 DMS E . 14.17 10.40 -8.60
H23 DMS E . 14.92 11.17 -9.95
S DMS F . -8.89 17.50 -9.15
O DMS F . -9.66 17.49 -7.87
C1 DMS F . -10.04 17.32 -10.55
C2 DMS F . -8.23 19.16 -9.43
H11 DMS F . -10.55 16.39 -10.47
H12 DMS F . -9.51 17.35 -11.46
H13 DMS F . -10.75 18.10 -10.53
H21 DMS F . -7.56 19.42 -8.65
H22 DMS F . -9.02 19.86 -9.48
H23 DMS F . -7.70 19.18 -10.36
S DMS G . -5.57 -2.64 -23.17
O DMS G . -5.46 -4.08 -22.76
C1 DMS G . -4.80 -2.38 -24.79
C2 DMS G . -7.29 -2.25 -23.54
H11 DMS G . -5.55 -2.18 -25.51
H12 DMS G . -4.27 -3.25 -25.07
H13 DMS G . -4.13 -1.57 -24.74
H21 DMS G . -7.87 -2.33 -22.66
H22 DMS G . -7.66 -2.92 -24.27
H23 DMS G . -7.36 -1.26 -23.91
S DMS H . 12.42 5.81 -18.46
O DMS H . 11.10 5.09 -18.55
C1 DMS H . 12.09 7.58 -18.64
C2 DMS H . 13.15 5.80 -16.82
H11 DMS H . 11.72 7.79 -19.61
H12 DMS H . 12.98 8.13 -18.49
H13 DMS H . 11.37 7.89 -17.92
H21 DMS H . 14.21 5.88 -16.90
H22 DMS H . 12.91 4.89 -16.33
H23 DMS H . 12.78 6.62 -16.25
S DMS I . -5.15 25.05 -8.91
O DMS I . -5.53 24.41 -10.20
C1 DMS I . -6.29 24.51 -7.61
C2 DMS I . -3.52 24.40 -8.40
H11 DMS I . -6.32 23.45 -7.58
H12 DMS I . -7.26 24.89 -7.81
H13 DMS I . -5.95 24.88 -6.67
H21 DMS I . -2.78 24.78 -9.04
H22 DMS I . -3.54 23.35 -8.44
H23 DMS I . -3.32 24.71 -7.40
S DMS J . -8.10 -3.38 -17.28
O DMS J . -7.07 -2.50 -16.65
C1 DMS J . -9.78 -3.06 -16.68
C2 DMS J . -8.27 -2.82 -18.99
H11 DMS J . -9.77 -2.19 -16.07
H12 DMS J . -10.12 -3.88 -16.11
H13 DMS J . -10.43 -2.90 -17.51
H21 DMS J . -7.48 -3.21 -19.57
H22 DMS J . -8.23 -1.76 -19.02
H23 DMS J . -9.19 -3.16 -19.39
S DMS K . -2.86 -16.27 -1.33
O DMS K . -1.85 -15.46 -0.59
C1 DMS K . -4.48 -16.30 -0.51
C2 DMS K . -3.32 -15.37 -2.82
H11 DMS K . -4.49 -17.08 0.22
H12 DMS K . -5.23 -16.49 -1.23
H13 DMS K . -4.66 -15.37 -0.04
H21 DMS K . -2.47 -15.28 -3.46
H22 DMS K . -3.65 -14.40 -2.56
H23 DMS K . -4.08 -15.89 -3.33
S DMS L . -7.68 9.49 -20.37
O DMS L . -8.55 10.34 -19.49
C1 DMS L . -8.36 9.46 -22.06
C2 DMS L . -6.10 10.36 -20.67
H11 DMS L . -8.66 10.45 -22.34
H12 DMS L . -9.19 8.81 -22.09
H13 DMS L . -7.62 9.11 -22.73
H21 DMS L . -5.57 10.45 -19.75
H22 DMS L . -6.30 11.31 -21.07
H23 DMS L . -5.53 9.79 -21.36
S DMS M . -7.14 3.21 22.57
O DMS M . -5.72 2.78 22.42
C1 DMS M . -7.91 2.24 23.90
C2 DMS M . -7.21 4.88 23.28
H11 DMS M . -8.94 2.49 23.97
H12 DMS M . -7.43 2.47 24.82
H13 DMS M . -7.80 1.21 23.69
H21 DMS M . -8.18 5.29 23.11
H22 DMS M . -6.48 5.49 22.82
H23 DMS M . -7.02 4.83 24.32
S DMS N . 1.50 11.01 10.28
O DMS N . 2.80 10.89 9.55
C1 DMS N . 1.54 9.91 11.73
C2 DMS N . 1.51 12.57 11.22
H11 DMS N . 1.80 10.47 12.59
H12 DMS N . 2.27 9.16 11.58
H13 DMS N . 0.59 9.47 11.86
H21 DMS N . 2.44 12.68 11.71
H22 DMS N . 0.73 12.54 11.95
H23 DMS N . 1.34 13.38 10.56
S DMS O . -0.32 8.86 -22.59
O DMS O . -0.13 9.10 -21.12
C1 DMS O . -0.15 10.43 -23.49
C2 DMS O . 1.12 7.98 -23.26
H11 DMS O . -0.90 11.10 -23.17
H12 DMS O . -0.26 10.25 -24.53
H13 DMS O . 0.80 10.84 -23.30
H21 DMS O . 0.84 7.47 -24.14
H22 DMS O . 1.48 7.29 -22.54
H23 DMS O . 1.89 8.68 -23.48
S DMS P . 3.34 -5.41 21.89
O DMS P . 3.29 -4.03 22.48
C1 DMS P . 4.93 -6.20 22.26
C2 DMS P . 2.20 -6.53 22.75
H11 DMS P . 5.72 -5.61 21.88
H12 DMS P . 4.96 -7.17 21.80
H13 DMS P . 5.04 -6.31 23.30
H21 DMS P . 1.21 -6.13 22.69
H22 DMS P . 2.48 -6.61 23.77
H23 DMS P . 2.22 -7.48 22.30
S DMS Q . 8.48 18.78 0.64
O DMS Q . 8.34 17.94 -0.60
C1 DMS Q . 8.99 17.73 2.03
C2 DMS Q . 9.98 19.75 0.38
H11 DMS Q . 8.48 16.80 1.99
H12 DMS Q . 8.74 18.21 2.94
H13 DMS Q . 10.03 17.57 1.99
H21 DMS Q . 10.48 19.39 -0.47
H22 DMS Q . 10.59 19.66 1.23
H23 DMS Q . 9.71 20.77 0.24
C1 QHZ R . 6.79 10.63 4.83
C10 QHZ R . 1.89 11.93 5.01
C11 QHZ R . 1.32 13.30 4.54
C12 QHZ R . 1.74 14.68 4.93
C13 QHZ R . 3.10 15.03 5.13
C14 QHZ R . 3.51 16.31 5.50
C15 QHZ R . 2.59 17.34 5.72
C16 QHZ R . 1.24 17.02 5.55
C17 QHZ R . 0.83 15.73 5.17
C18 QHZ R . 1.83 12.26 3.56
C19 QHZ R . 2.25 7.90 4.05
C2 QHZ R . 7.32 11.17 3.44
C20 QHZ R . 3.35 7.32 3.37
C21 QHZ R . 4.69 7.68 3.66
C22 QHZ R . 7.03 8.45 7.76
C23 QHZ R . 7.78 9.33 8.52
C24 QHZ R . 7.53 9.64 9.89
C25 QHZ R . 7.74 11.24 11.66
C26 QHZ R . 6.43 9.01 10.51
C27 QHZ R . 5.65 8.14 9.76
C28 QHZ R . 5.94 7.87 8.43
C3 QHZ R . 4.99 8.67 4.64
C4 QHZ R . 3.86 9.18 5.29
C5 QHZ R . 2.51 8.87 5.05
C6 QHZ R . -0.09 9.96 7.37
C7 QHZ R . 0.23 11.24 6.77
C8 QHZ R . -0.37 12.59 7.12
C9 QHZ R . 1.23 10.97 5.87
N1 QHZ R . 6.36 9.09 5.04
N2 QHZ R . 1.48 9.59 5.85
N3 QHZ R . 0.68 8.96 6.81
O1 QHZ R . 8.78 8.40 5.69
O2 QHZ R . 6.91 10.55 2.37
O3 QHZ R . 8.08 12.16 3.41
O4 QHZ R . -1.52 12.90 6.75
O5 QHZ R . 0.36 13.42 7.79
O6 QHZ R . 8.30 10.51 10.60
O7 QHZ R . 7.15 6.73 5.80
S1 QHZ R . 7.41 8.14 5.98
H2 QHZ R . 6.06 11.24 5.04
H1 QHZ R . 7.46 10.92 5.46
H6 QHZ R . 2.83 11.89 5.23
H7 QHZ R . 0.37 13.31 4.35
H8 QHZ R . 3.76 14.39 5.01
H9 QHZ R . 4.41 16.51 5.61
H10 QHZ R . 2.86 18.19 5.96
H11 QHZ R . 0.61 17.70 5.70
H12 QHZ R . -0.07 15.58 5.09
H14 QHZ R . 1.24 11.79 2.96
H13 QHZ R . 2.63 12.40 3.04
H15 QHZ R . 1.38 7.65 3.82
H16 QHZ R . 3.18 6.68 2.72
H17 QHZ R . 5.38 7.25 3.19
H18 QHZ R . 8.50 9.78 8.14
H21 QHZ R . 7.66 10.71 12.47
H20 QHZ R . 8.27 12.02 11.88
H19 QHZ R . 6.86 11.56 11.45
H22 QHZ R . 6.25 9.20 11.41
H23 QHZ R . 4.93 7.73 10.19
H24 QHZ R . 5.37 7.28 7.98
H3 QHZ R . 4.01 9.82 5.95
H4 QHZ R . -0.72 9.79 8.02
#